data_3MFH
#
_entry.id   3MFH
#
_cell.length_a   88.745
_cell.length_b   227.935
_cell.length_c   85.967
_cell.angle_alpha   90.000
_cell.angle_beta   90.000
_cell.angle_gamma   90.000
#
_symmetry.space_group_name_H-M   'C 2 2 21'
#
loop_
_entity.id
_entity.type
_entity.pdbx_description
1 polymer 'DNA polymerase eta'
2 polymer "5'-D(*GP*TP*CP*CP*TP*CP*CP*CP*CP*TP*(DOC))-3'"
3 polymer "5'-D(*TP*AP*AP*TP*TP*GP*AP*GP*GP*GP*GP*AP*GP*GP*AP*C)-3'"
4 non-polymer "2'-DEOXYADENOSINE 5'-TRIPHOSPHATE"
5 non-polymer 'SULFATE ION'
6 non-polymer 'MAGNESIUM ION'
7 water water
#
loop_
_entity_poly.entity_id
_entity_poly.type
_entity_poly.pdbx_seq_one_letter_code
_entity_poly.pdbx_strand_id
1 'polypeptide(L)'
;GPGGDPHMSKFTWKELIQLGSPSKAYESSLACIAHIDMNAFFAQVEQMRCGLSKEDPVVCVQWNSIIAVSYAARKYGISR
MDTIQEALKKCSNLIPIHTAVFKKGEDFWQYHDGCGSWVQDPAKQISVEDHKVSLEPYRRESRKALAIFKWACDLVERAS
IDEVFLDLGRICFNMLMFDNEYELTGDLKLKDALSNIREAFIGGNYDINSHLPLIPEKIKSLKFEGDVFNPEGRDLITDW
DDVILALGSQVCKGIRDSIKDILGYTTSCGLSSTKNVCKLASNYKKPDAQTIVKNDCLLDFLDCGKFEITSFWTLGGVLG
KELIDVLDLPHENSIKHIRETWPDNAGQLKEFLDAKVKQSDYDRSTSNIDPLKTADLAEKLFKLSRGRYGLPLSSRPVVK
SMMSNKNLRGKSCNSIVDCISWLEVFCAELTSRIQDLEQEYNKIVIPRTVSISLKTKSYEVYRKSGPVAYKGINFQSHEL
LKVGIKFVTDLDIKGKNKSYYPLTKLSMTITNFDIIDLQK
;
A
2 'polydeoxyribonucleotide' (DG)(DT)(DC)(DC)(DT)(DC)(DC)(DC)(DC)(DT)(DOC) P
3 'polydeoxyribonucleotide' (DT)(DA)(DA)(DT)(DT)(DG)(DA)(DG)(DG)(DG)(DG)(DA)(DG)(DG)(DA)(DC) T
#
loop_
_chem_comp.id
_chem_comp.type
_chem_comp.name
_chem_comp.formula
DA DNA linking 2'-DEOXYADENOSINE-5'-MONOPHOSPHATE 'C10 H14 N5 O6 P'
DC DNA linking 2'-DEOXYCYTIDINE-5'-MONOPHOSPHATE 'C9 H14 N3 O7 P'
DG DNA linking 2'-DEOXYGUANOSINE-5'-MONOPHOSPHATE 'C10 H14 N5 O7 P'
DOC DNA linking 2',3'-DIDEOXYCYTIDINE-5'-MONOPHOSPHATE 'C9 H14 N3 O6 P'
DT DNA linking THYMIDINE-5'-MONOPHOSPHATE 'C10 H15 N2 O8 P'
DTP non-polymer '2'-DEOXYADENOSINE 5'-TRIPHOSPHATE' 'C10 H16 N5 O12 P3'
MG non-polymer 'MAGNESIUM ION' 'Mg 2'
SO4 non-polymer 'SULFATE ION' 'O4 S -2'
#
# COMPACT_ATOMS: atom_id res chain seq x y z
N MET A 8 -4.53 36.26 12.05
N MET A 8 -4.42 36.31 11.84
CA MET A 8 -3.51 35.26 12.51
CA MET A 8 -3.49 35.30 12.40
C MET A 8 -3.55 34.00 11.64
C MET A 8 -3.53 34.02 11.57
N SER A 9 -2.60 33.11 11.88
CA SER A 9 -2.60 31.79 11.29
C SER A 9 -3.90 31.05 11.60
N LYS A 10 -4.26 30.12 10.74
CA LYS A 10 -5.40 29.25 11.00
C LYS A 10 -5.04 28.19 12.06
N PHE A 11 -3.76 28.03 12.35
CA PHE A 11 -3.28 26.92 13.15
C PHE A 11 -2.83 27.36 14.53
N THR A 12 -2.79 26.40 15.45
CA THR A 12 -2.44 26.62 16.83
C THR A 12 -1.08 26.03 17.19
N TRP A 13 -0.50 26.53 18.28
CA TRP A 13 0.68 25.93 18.85
C TRP A 13 0.44 24.43 19.08
N LYS A 14 -0.73 24.07 19.62
CA LYS A 14 -1.05 22.66 19.86
C LYS A 14 -0.85 21.79 18.61
N GLU A 15 -1.43 22.22 17.50
CA GLU A 15 -1.33 21.49 16.23
C GLU A 15 0.11 21.37 15.73
N LEU A 16 0.92 22.39 15.95
CA LEU A 16 2.31 22.37 15.51
C LEU A 16 3.12 21.41 16.37
N ILE A 17 3.03 21.60 17.68
CA ILE A 17 3.80 20.78 18.62
C ILE A 17 3.41 19.30 18.52
N GLN A 18 2.15 19.01 18.20
CA GLN A 18 1.77 17.60 18.06
C GLN A 18 2.41 16.86 16.86
N LEU A 19 3.02 17.61 15.97
CA LEU A 19 3.84 17.02 14.93
C LEU A 19 5.00 16.22 15.51
N GLY A 20 5.42 16.59 16.71
CA GLY A 20 6.47 15.84 17.43
C GLY A 20 6.02 14.57 18.15
N SER A 21 4.72 14.27 18.13
CA SER A 21 4.20 13.05 18.74
C SER A 21 3.81 12.02 17.68
N PRO A 22 4.50 10.86 17.64
CA PRO A 22 4.12 9.83 16.68
C PRO A 22 2.67 9.38 16.85
N SER A 23 2.15 9.34 18.06
CA SER A 23 0.81 8.82 18.24
C SER A 23 -0.26 9.83 17.76
N LYS A 24 0.01 11.13 17.81
CA LYS A 24 -1.00 12.15 17.48
C LYS A 24 -0.70 13.08 16.27
N ALA A 25 0.49 12.99 15.69
CA ALA A 25 0.85 13.85 14.57
C ALA A 25 -0.13 13.77 13.39
N TYR A 26 -0.63 12.57 13.08
CA TYR A 26 -1.56 12.37 11.95
C TYR A 26 -2.86 13.19 12.06
N GLU A 27 -3.22 13.57 13.28
CA GLU A 27 -4.52 14.14 13.58
C GLU A 27 -4.48 15.63 13.39
N SER A 28 -3.29 16.19 13.30
CA SER A 28 -3.10 17.63 13.12
C SER A 28 -3.46 18.04 11.69
N SER A 29 -4.10 19.19 11.56
CA SER A 29 -4.28 19.80 10.24
C SER A 29 -2.93 20.14 9.57
N LEU A 30 -1.88 20.30 10.37
CA LEU A 30 -0.51 20.50 9.90
C LEU A 30 0.23 19.20 9.54
N ALA A 31 -0.41 18.03 9.64
CA ALA A 31 0.26 16.75 9.34
C ALA A 31 0.95 16.80 8.00
N CYS A 32 2.08 16.10 7.91
CA CYS A 32 2.80 15.95 6.68
C CYS A 32 3.04 14.46 6.45
N ILE A 33 2.22 13.89 5.55
CA ILE A 33 2.27 12.49 5.26
C ILE A 33 2.78 12.31 3.85
N ALA A 34 3.50 11.21 3.60
CA ALA A 34 3.92 10.84 2.24
C ALA A 34 3.44 9.41 1.94
N HIS A 35 3.01 9.19 0.70
CA HIS A 35 2.76 7.87 0.18
C HIS A 35 3.74 7.70 -0.95
N ILE A 36 4.46 6.59 -0.94
CA ILE A 36 5.54 6.35 -1.89
C ILE A 36 5.25 5.01 -2.48
N ASP A 37 5.17 4.97 -3.81
CA ASP A 37 4.85 3.77 -4.54
C ASP A 37 5.93 3.51 -5.60
N MET A 38 6.49 2.31 -5.58
CA MET A 38 7.57 1.92 -6.49
C MET A 38 7.04 1.87 -7.91
N ASN A 39 7.78 2.47 -8.83
CA ASN A 39 7.39 2.50 -10.23
C ASN A 39 7.58 1.09 -10.83
N ALA A 40 6.56 0.56 -11.52
CA ALA A 40 6.68 -0.67 -12.29
C ALA A 40 7.44 -1.73 -11.49
N PHE A 41 7.01 -1.98 -10.27
CA PHE A 41 7.88 -2.64 -9.30
C PHE A 41 8.51 -3.97 -9.76
N PHE A 42 7.72 -4.97 -10.13
CA PHE A 42 8.30 -6.28 -10.44
C PHE A 42 9.22 -6.16 -11.67
N ALA A 43 8.91 -5.25 -12.58
CA ALA A 43 9.72 -5.06 -13.79
C ALA A 43 11.05 -4.41 -13.43
N GLN A 44 11.03 -3.45 -12.51
CA GLN A 44 12.27 -2.85 -12.00
C GLN A 44 13.13 -3.84 -11.26
N VAL A 45 12.52 -4.74 -10.48
CA VAL A 45 13.29 -5.78 -9.79
C VAL A 45 14.04 -6.68 -10.80
N GLU A 46 13.33 -7.10 -11.85
CA GLU A 46 13.92 -7.93 -12.90
C GLU A 46 14.99 -7.18 -13.69
N GLN A 47 14.71 -5.92 -14.01
CA GLN A 47 15.69 -5.05 -14.65
C GLN A 47 16.99 -5.02 -13.84
N MET A 48 16.89 -4.76 -12.54
CA MET A 48 18.07 -4.65 -11.70
C MET A 48 18.77 -6.01 -11.55
N ARG A 49 18.01 -7.09 -11.43
CA ARG A 49 18.60 -8.43 -11.26
C ARG A 49 19.39 -8.81 -12.51
N CYS A 50 18.86 -8.45 -13.67
CA CYS A 50 19.46 -8.81 -14.95
C CYS A 50 20.46 -7.74 -15.47
N GLY A 51 20.77 -6.74 -14.65
CA GLY A 51 21.74 -5.72 -15.05
C GLY A 51 21.31 -4.85 -16.23
N LEU A 52 20.01 -4.68 -16.42
CA LEU A 52 19.48 -3.88 -17.53
C LEU A 52 19.28 -2.43 -17.12
N SER A 53 18.94 -1.60 -18.10
CA SER A 53 18.80 -0.15 -17.89
C SER A 53 17.35 0.32 -17.91
N LYS A 54 17.17 1.57 -17.46
CA LYS A 54 15.90 2.31 -17.56
C LYS A 54 15.33 2.32 -18.97
N GLU A 55 16.19 2.24 -19.99
CA GLU A 55 15.76 2.28 -21.41
C GLU A 55 15.33 0.91 -22.00
N ASP A 56 15.69 -0.18 -21.33
CA ASP A 56 15.29 -1.53 -21.79
C ASP A 56 13.79 -1.79 -21.52
N PRO A 57 13.06 -2.26 -22.55
CA PRO A 57 11.63 -2.53 -22.45
C PRO A 57 11.32 -3.87 -21.78
N VAL A 58 11.57 -3.93 -20.49
CA VAL A 58 11.32 -5.12 -19.70
C VAL A 58 9.83 -5.23 -19.39
N VAL A 59 9.32 -6.45 -19.41
CA VAL A 59 8.04 -6.76 -18.78
C VAL A 59 8.21 -8.01 -17.93
N CYS A 60 7.60 -8.01 -16.74
CA CYS A 60 7.62 -9.19 -15.87
C CYS A 60 6.41 -10.05 -16.25
N VAL A 61 6.63 -11.34 -16.45
CA VAL A 61 5.56 -12.25 -16.94
C VAL A 61 5.27 -13.35 -15.91
N GLN A 62 3.97 -13.60 -15.72
CA GLN A 62 3.51 -14.66 -14.85
C GLN A 62 2.58 -15.54 -15.68
N TRP A 63 3.09 -16.71 -16.04
CA TRP A 63 2.41 -17.61 -16.97
C TRP A 63 2.32 -16.89 -18.31
N ASN A 64 1.12 -16.54 -18.78
CA ASN A 64 0.99 -15.80 -20.03
C ASN A 64 0.60 -14.34 -19.86
N SER A 65 0.53 -13.84 -18.62
CA SER A 65 0.13 -12.48 -18.36
C SER A 65 1.30 -11.57 -18.03
N ILE A 66 1.26 -10.34 -18.53
CA ILE A 66 2.19 -9.31 -18.11
C ILE A 66 1.74 -8.85 -16.71
N ILE A 67 2.56 -9.08 -15.70
CA ILE A 67 2.19 -8.72 -14.31
C ILE A 67 2.76 -7.34 -13.98
N ALA A 68 3.83 -6.95 -14.68
CA ALA A 68 4.36 -5.59 -14.57
C ALA A 68 5.04 -5.13 -15.86
N VAL A 69 4.87 -3.86 -16.18
CA VAL A 69 5.41 -3.30 -17.42
C VAL A 69 6.27 -2.11 -17.08
N SER A 70 7.58 -2.24 -17.33
CA SER A 70 8.52 -1.13 -17.25
C SER A 70 8.02 0.09 -18.00
N TYR A 71 8.50 1.26 -17.58
CA TYR A 71 8.15 2.52 -18.27
C TYR A 71 8.71 2.61 -19.69
N ALA A 72 9.85 1.97 -19.92
CA ALA A 72 10.35 1.85 -21.30
C ALA A 72 9.30 1.14 -22.18
N ALA A 73 8.73 0.04 -21.69
CA ALA A 73 7.79 -0.74 -22.49
C ALA A 73 6.44 -0.05 -22.65
N ARG A 74 6.04 0.77 -21.67
CA ARG A 74 4.78 1.52 -21.76
C ARG A 74 4.77 2.53 -22.92
N LYS A 75 5.95 2.99 -23.34
CA LYS A 75 6.07 3.93 -24.48
C LYS A 75 5.65 3.27 -25.80
N TYR A 76 5.59 1.94 -25.80
CA TYR A 76 5.05 1.15 -26.89
C TYR A 76 3.54 0.91 -26.85
N GLY A 77 2.86 1.28 -25.77
CA GLY A 77 1.43 0.99 -25.62
C GLY A 77 1.12 -0.29 -24.84
N ILE A 78 2.16 -0.92 -24.28
CA ILE A 78 1.99 -2.13 -23.45
C ILE A 78 1.36 -1.79 -22.08
N SER A 79 0.37 -2.58 -21.68
CA SER A 79 -0.37 -2.41 -20.46
C SER A 79 -0.33 -3.68 -19.62
N ARG A 80 -0.39 -3.51 -18.30
CA ARG A 80 -0.47 -4.65 -17.37
C ARG A 80 -1.67 -5.46 -17.79
N MET A 81 -1.51 -6.77 -17.70
CA MET A 81 -2.55 -7.74 -18.01
C MET A 81 -2.80 -7.95 -19.51
N ASP A 82 -2.04 -7.25 -20.36
CA ASP A 82 -1.85 -7.71 -21.73
C ASP A 82 -1.29 -9.13 -21.64
N THR A 83 -1.54 -9.94 -22.67
CA THR A 83 -0.91 -11.24 -22.76
C THR A 83 0.45 -11.00 -23.38
N ILE A 84 1.37 -11.92 -23.15
CA ILE A 84 2.71 -11.79 -23.68
C ILE A 84 2.69 -11.73 -25.24
N GLN A 85 1.73 -12.41 -25.85
CA GLN A 85 1.56 -12.38 -27.33
C GLN A 85 1.33 -10.97 -27.83
N GLU A 86 0.33 -10.33 -27.23
CA GLU A 86 -0.03 -8.96 -27.57
C GLU A 86 1.17 -8.01 -27.37
N ALA A 87 1.88 -8.16 -26.27
CA ALA A 87 3.05 -7.31 -25.98
C ALA A 87 4.11 -7.40 -27.08
N LEU A 88 4.35 -8.62 -27.57
CA LEU A 88 5.39 -8.84 -28.60
C LEU A 88 5.09 -8.14 -29.94
N LYS A 89 3.80 -8.06 -30.28
CA LYS A 89 3.34 -7.30 -31.46
C LYS A 89 3.70 -5.82 -31.34
N LYS A 90 3.47 -5.26 -30.15
CA LYS A 90 3.65 -3.83 -29.89
C LYS A 90 5.13 -3.42 -29.80
N CYS A 91 6.00 -4.36 -29.45
CA CYS A 91 7.42 -4.07 -29.29
C CYS A 91 8.26 -5.31 -29.61
N SER A 92 9.01 -5.23 -30.71
CA SER A 92 9.80 -6.36 -31.20
C SER A 92 11.02 -6.57 -30.32
N ASN A 93 11.54 -5.51 -29.74
CA ASN A 93 12.70 -5.60 -28.85
C ASN A 93 12.33 -5.87 -27.37
N LEU A 94 11.08 -6.30 -27.13
CA LEU A 94 10.59 -6.61 -25.78
C LEU A 94 11.48 -7.58 -25.03
N ILE A 95 11.70 -7.33 -23.73
CA ILE A 95 12.46 -8.23 -22.87
C ILE A 95 11.53 -8.84 -21.79
N PRO A 96 10.82 -9.92 -22.14
CA PRO A 96 9.94 -10.60 -21.22
C PRO A 96 10.73 -11.47 -20.26
N ILE A 97 10.55 -11.25 -18.96
CA ILE A 97 11.23 -12.02 -17.92
C ILE A 97 10.17 -12.63 -17.00
N HIS A 98 10.20 -13.96 -16.90
CA HIS A 98 9.21 -14.67 -16.07
C HIS A 98 9.63 -14.62 -14.60
N THR A 99 8.62 -14.62 -13.73
CA THR A 99 8.85 -14.75 -12.31
C THR A 99 9.67 -16.01 -12.07
N ALA A 100 10.39 -16.03 -10.94
CA ALA A 100 10.96 -17.25 -10.42
C ALA A 100 9.84 -18.28 -10.19
N VAL A 101 10.21 -19.56 -10.13
CA VAL A 101 9.23 -20.63 -9.92
C VAL A 101 9.80 -21.80 -9.08
N PHE A 102 8.90 -22.54 -8.44
CA PHE A 102 9.20 -23.83 -7.82
C PHE A 102 8.73 -24.93 -8.77
N LYS A 103 9.48 -26.00 -8.89
CA LYS A 103 9.02 -27.16 -9.65
C LYS A 103 8.40 -28.17 -8.69
N LYS A 104 7.22 -28.67 -9.04
CA LYS A 104 6.57 -29.71 -8.24
C LYS A 104 7.53 -30.87 -8.09
N GLY A 105 7.68 -31.37 -6.88
CA GLY A 105 8.67 -32.39 -6.57
C GLY A 105 9.99 -31.84 -6.05
N GLU A 106 10.19 -30.53 -6.13
CA GLU A 106 11.40 -29.90 -5.59
C GLU A 106 11.04 -28.93 -4.45
N ASP A 107 12.05 -28.51 -3.70
CA ASP A 107 11.84 -27.75 -2.46
C ASP A 107 12.51 -26.36 -2.44
N PHE A 108 12.76 -25.81 -3.63
CA PHE A 108 13.47 -24.57 -3.76
C PHE A 108 12.94 -23.87 -5.00
N TRP A 109 13.02 -22.54 -5.02
CA TRP A 109 12.65 -21.77 -6.20
C TRP A 109 13.92 -21.33 -6.93
N GLN A 110 13.75 -20.98 -8.19
CA GLN A 110 14.82 -20.37 -8.96
C GLN A 110 14.28 -19.75 -10.23
N TYR A 111 15.05 -18.87 -10.83
CA TYR A 111 14.71 -18.29 -12.12
C TYR A 111 15.11 -19.24 -13.24
N HIS A 112 14.24 -19.40 -14.23
CA HIS A 112 14.54 -20.15 -15.45
C HIS A 112 14.69 -19.14 -16.59
N ASP A 113 15.76 -18.35 -16.57
CA ASP A 113 15.93 -17.28 -17.56
C ASP A 113 16.20 -17.89 -18.94
N GLY A 114 15.60 -17.27 -19.96
CA GLY A 114 15.56 -17.83 -21.31
C GLY A 114 14.30 -18.64 -21.62
N CYS A 115 13.52 -18.98 -20.57
CA CYS A 115 12.33 -19.83 -20.70
C CYS A 115 11.00 -19.07 -20.48
N GLY A 116 9.95 -19.56 -21.15
CA GLY A 116 8.61 -18.98 -21.09
C GLY A 116 7.73 -19.44 -22.25
N SER A 117 6.45 -19.06 -22.21
CA SER A 117 5.47 -19.43 -23.25
C SER A 117 5.76 -18.81 -24.64
N TRP A 118 6.57 -17.75 -24.67
CA TRP A 118 7.20 -17.27 -25.90
C TRP A 118 8.33 -18.27 -26.26
N VAL A 119 9.47 -17.84 -26.82
CA VAL A 119 10.61 -18.74 -27.07
C VAL A 119 10.31 -19.79 -28.17
N PRO A 122 9.91 -25.43 -27.56
CA PRO A 122 11.10 -26.27 -27.31
C PRO A 122 11.05 -26.95 -25.93
N ALA A 123 12.21 -27.36 -25.42
CA ALA A 123 12.33 -27.82 -24.02
C ALA A 123 12.63 -26.63 -23.08
N LYS A 124 11.81 -25.58 -23.19
CA LYS A 124 12.08 -24.32 -22.51
C LYS A 124 10.79 -23.53 -22.29
N GLN A 125 9.81 -24.15 -21.64
CA GLN A 125 8.44 -23.61 -21.63
C GLN A 125 7.84 -23.12 -20.27
N ILE A 126 8.39 -23.55 -19.14
CA ILE A 126 7.83 -23.27 -17.79
C ILE A 126 6.32 -23.55 -17.68
N SER A 127 5.99 -24.84 -17.62
CA SER A 127 4.61 -25.30 -17.64
C SER A 127 3.82 -24.96 -16.38
N VAL A 128 2.58 -24.51 -16.58
CA VAL A 128 1.64 -24.25 -15.50
C VAL A 128 1.21 -25.52 -14.74
N GLU A 129 1.37 -26.69 -15.37
CA GLU A 129 1.02 -27.97 -14.76
C GLU A 129 2.04 -28.39 -13.69
N ASP A 130 3.31 -28.03 -13.88
CA ASP A 130 4.42 -28.57 -13.07
C ASP A 130 5.15 -27.55 -12.18
N HIS A 131 4.71 -26.29 -12.18
CA HIS A 131 5.38 -25.26 -11.39
C HIS A 131 4.42 -24.39 -10.57
N LYS A 132 4.96 -23.76 -9.53
CA LYS A 132 4.27 -22.64 -8.85
C LYS A 132 5.15 -21.38 -8.86
N VAL A 133 4.52 -20.21 -8.78
CA VAL A 133 5.25 -18.94 -8.81
C VAL A 133 5.99 -18.75 -7.47
N SER A 134 7.17 -18.14 -7.51
CA SER A 134 7.79 -17.55 -6.35
C SER A 134 7.82 -16.03 -6.51
N LEU A 135 7.16 -15.31 -5.60
CA LEU A 135 7.22 -13.85 -5.54
C LEU A 135 8.32 -13.38 -4.60
N GLU A 136 9.12 -14.30 -4.07
CA GLU A 136 10.11 -13.96 -3.06
C GLU A 136 11.18 -12.96 -3.48
N PRO A 137 11.59 -12.96 -4.77
CA PRO A 137 12.55 -11.92 -5.13
C PRO A 137 11.98 -10.52 -4.94
N TYR A 138 10.67 -10.39 -5.16
CA TYR A 138 10.02 -9.08 -5.01
C TYR A 138 9.90 -8.73 -3.54
N ARG A 139 9.53 -9.72 -2.73
CA ARG A 139 9.38 -9.53 -1.28
C ARG A 139 10.70 -9.14 -0.63
N ARG A 140 11.78 -9.77 -1.08
CA ARG A 140 13.11 -9.45 -0.55
C ARG A 140 13.45 -8.00 -0.79
N GLU A 141 13.18 -7.54 -2.01
CA GLU A 141 13.49 -6.18 -2.41
C GLU A 141 12.58 -5.18 -1.69
N SER A 142 11.34 -5.57 -1.43
CA SER A 142 10.42 -4.78 -0.63
C SER A 142 10.96 -4.57 0.79
N ARG A 143 11.55 -5.60 1.37
CA ARG A 143 12.07 -5.54 2.75
C ARG A 143 13.35 -4.68 2.80
N LYS A 144 14.14 -4.71 1.74
CA LYS A 144 15.32 -3.82 1.63
C LYS A 144 14.91 -2.35 1.58
N ALA A 145 13.90 -2.06 0.75
CA ALA A 145 13.31 -0.73 0.69
C ALA A 145 12.79 -0.29 2.05
N LEU A 146 12.02 -1.17 2.71
CA LEU A 146 11.47 -0.88 4.05
C LEU A 146 12.55 -0.50 5.05
N ALA A 147 13.66 -1.24 5.06
CA ALA A 147 14.82 -0.90 5.91
C ALA A 147 15.36 0.52 5.68
N ILE A 148 15.38 0.93 4.42
CA ILE A 148 15.86 2.27 4.06
C ILE A 148 14.87 3.34 4.54
N PHE A 149 13.58 3.12 4.28
CA PHE A 149 12.57 4.03 4.77
C PHE A 149 12.57 4.16 6.29
N LYS A 150 12.65 3.04 7.01
CA LYS A 150 12.63 3.08 8.46
C LYS A 150 13.89 3.74 9.05
N TRP A 151 15.02 3.61 8.37
CA TRP A 151 16.22 4.31 8.78
C TRP A 151 16.06 5.84 8.64
N ALA A 152 15.30 6.27 7.65
CA ALA A 152 15.09 7.71 7.40
C ALA A 152 13.95 8.29 8.22
N CYS A 153 13.01 7.47 8.67
CA CYS A 153 11.77 7.99 9.26
C CYS A 153 11.27 7.09 10.40
N ASP A 154 10.84 7.71 11.49
CA ASP A 154 10.45 6.98 12.71
C ASP A 154 9.09 6.34 12.65
N LEU A 155 8.33 6.60 11.59
CA LEU A 155 7.01 5.99 11.48
C LEU A 155 6.64 5.68 10.05
N VAL A 156 6.74 4.39 9.71
CA VAL A 156 6.58 3.92 8.37
C VAL A 156 5.58 2.77 8.39
N GLU A 157 4.56 2.87 7.53
CA GLU A 157 3.58 1.82 7.33
C GLU A 157 3.77 1.18 5.97
N ARG A 158 4.06 -0.12 5.94
CA ARG A 158 4.07 -0.86 4.69
C ARG A 158 2.62 -1.17 4.35
N ALA A 159 2.12 -0.59 3.26
CA ALA A 159 0.72 -0.66 2.91
C ALA A 159 0.46 -1.82 1.94
N SER A 160 1.49 -2.21 1.18
CA SER A 160 1.43 -3.37 0.29
C SER A 160 2.85 -3.62 -0.20
N ILE A 161 3.04 -4.61 -1.07
CA ILE A 161 4.40 -5.01 -1.43
C ILE A 161 5.25 -3.82 -1.93
N ASP A 162 4.64 -2.83 -2.55
CA ASP A 162 5.43 -1.72 -3.11
C ASP A 162 5.02 -0.31 -2.67
N GLU A 163 4.18 -0.24 -1.65
CA GLU A 163 3.69 1.03 -1.10
C GLU A 163 4.11 1.18 0.36
N VAL A 164 4.51 2.40 0.73
CA VAL A 164 4.64 2.79 2.13
C VAL A 164 4.02 4.17 2.35
N PHE A 165 3.53 4.40 3.57
CA PHE A 165 3.24 5.71 4.03
C PHE A 165 4.35 6.09 5.01
N LEU A 166 4.72 7.37 5.01
CA LEU A 166 5.64 7.94 5.98
C LEU A 166 4.99 9.10 6.74
N ASP A 167 5.14 9.12 8.05
CA ASP A 167 4.74 10.30 8.83
C ASP A 167 6.00 11.14 9.03
N LEU A 168 6.04 12.28 8.34
CA LEU A 168 7.20 13.16 8.37
C LEU A 168 7.10 14.23 9.48
N GLY A 169 6.17 14.06 10.41
CA GLY A 169 5.96 15.04 11.47
C GLY A 169 7.20 15.45 12.24
N ARG A 170 7.97 14.49 12.76
CA ARG A 170 9.15 14.81 13.58
C ARG A 170 10.24 15.49 12.75
N ILE A 171 10.43 15.03 11.52
CA ILE A 171 11.50 15.56 10.68
C ILE A 171 11.18 17.03 10.34
N CYS A 172 9.92 17.28 9.98
CA CYS A 172 9.44 18.63 9.64
C CYS A 172 9.50 19.56 10.84
N PHE A 173 9.02 19.08 11.98
CA PHE A 173 9.02 19.88 13.19
C PHE A 173 10.47 20.24 13.55
N ASN A 174 11.34 19.23 13.56
CA ASN A 174 12.72 19.46 14.01
C ASN A 174 13.48 20.40 13.09
N MET A 175 13.23 20.26 11.79
CA MET A 175 13.80 21.14 10.79
C MET A 175 13.30 22.57 10.97
N LEU A 176 12.00 22.71 11.15
CA LEU A 176 11.42 24.01 11.33
C LEU A 176 12.01 24.73 12.55
N MET A 177 12.18 24.00 13.64
CA MET A 177 12.59 24.63 14.89
C MET A 177 14.09 24.66 15.10
N PHE A 178 14.81 23.66 14.60
CA PHE A 178 16.18 23.42 15.08
C PHE A 178 17.26 23.45 14.00
N ASP A 179 16.87 23.37 12.74
CA ASP A 179 17.88 23.26 11.68
C ASP A 179 18.53 24.63 11.43
N ASN A 180 19.82 24.69 11.73
CA ASN A 180 20.57 25.95 11.61
C ASN A 180 21.44 26.07 10.38
N GLU A 181 21.40 25.05 9.53
CA GLU A 181 22.17 25.02 8.28
C GLU A 181 21.36 25.26 6.99
N TYR A 182 20.10 24.85 6.99
CA TYR A 182 19.31 24.92 5.77
C TYR A 182 19.24 26.34 5.24
N GLU A 183 19.54 26.49 3.95
CA GLU A 183 19.49 27.76 3.25
C GLU A 183 18.25 27.89 2.36
N LEU A 184 17.54 29.01 2.49
CA LEU A 184 16.48 29.34 1.58
C LEU A 184 17.07 29.98 0.32
N THR A 185 17.93 30.97 0.50
CA THR A 185 18.70 31.52 -0.61
C THR A 185 20.16 31.71 -0.18
N GLY A 186 20.98 32.22 -1.10
CA GLY A 186 22.36 32.47 -0.82
C GLY A 186 22.56 33.53 0.23
N ASP A 187 21.56 34.38 0.44
CA ASP A 187 21.62 35.40 1.50
C ASP A 187 20.73 35.09 2.71
N LEU A 188 20.02 33.96 2.72
CA LEU A 188 18.99 33.74 3.74
C LEU A 188 18.90 32.30 4.24
N LYS A 189 19.18 32.12 5.53
CA LYS A 189 19.01 30.81 6.15
C LYS A 189 17.60 30.67 6.76
N LEU A 190 17.13 29.44 6.82
CA LEU A 190 15.84 29.09 7.43
C LEU A 190 15.76 29.61 8.86
N LYS A 191 16.86 29.47 9.62
CA LYS A 191 16.89 29.95 11.00
C LYS A 191 16.58 31.45 11.14
N ASP A 192 16.98 32.23 10.15
CA ASP A 192 16.77 33.67 10.21
C ASP A 192 15.37 34.04 9.70
N ALA A 193 14.91 33.35 8.66
CA ALA A 193 13.54 33.49 8.19
C ALA A 193 12.54 33.24 9.34
N LEU A 194 12.85 32.22 10.14
CA LEU A 194 11.96 31.78 11.21
C LEU A 194 12.34 32.26 12.64
N SER A 195 13.01 33.42 12.73
CA SER A 195 13.49 33.92 14.01
C SER A 195 12.34 34.17 14.99
N ASN A 196 11.17 34.64 14.53
CA ASN A 196 10.06 34.96 15.44
C ASN A 196 9.49 33.69 16.07
N ILE A 197 9.16 32.71 15.24
CA ILE A 197 8.60 31.47 15.76
C ILE A 197 9.61 30.71 16.62
N ARG A 198 10.89 30.70 16.24
CA ARG A 198 11.91 30.01 17.04
C ARG A 198 12.16 30.68 18.39
N GLU A 199 12.09 32.02 18.40
CA GLU A 199 12.23 32.77 19.63
C GLU A 199 11.10 32.40 20.58
N ALA A 200 9.88 32.34 20.05
CA ALA A 200 8.70 32.05 20.88
C ALA A 200 8.77 30.64 21.41
N PHE A 201 9.21 29.70 20.59
CA PHE A 201 9.28 28.32 20.96
C PHE A 201 10.35 28.07 22.03
N ILE A 202 11.55 28.58 21.80
CA ILE A 202 12.64 28.47 22.79
C ILE A 202 12.28 29.27 24.06
N GLY A 203 11.66 30.43 23.89
CA GLY A 203 11.25 31.26 25.02
C GLY A 203 10.23 30.58 25.91
N GLY A 204 9.45 29.73 25.26
CA GLY A 204 8.52 28.85 25.94
C GLY A 204 7.33 29.50 26.59
N ASN A 205 6.99 30.70 26.16
CA ASN A 205 6.05 31.52 26.87
C ASN A 205 4.72 31.59 26.11
N TYR A 206 4.43 30.58 25.29
CA TYR A 206 3.21 30.48 24.49
C TYR A 206 2.16 29.61 25.20
N ASP A 207 0.91 29.86 24.84
CA ASP A 207 -0.23 29.09 25.27
C ASP A 207 -0.54 28.08 24.20
N ILE A 208 -0.64 26.81 24.59
CA ILE A 208 -0.80 25.72 23.63
C ILE A 208 -2.05 25.93 22.79
N ASN A 209 -3.08 26.57 23.35
CA ASN A 209 -4.33 26.77 22.59
C ASN A 209 -4.42 28.08 21.80
N SER A 210 -3.35 28.87 21.82
N SER A 210 -3.33 28.86 21.82
CA SER A 210 -3.26 30.10 21.03
CA SER A 210 -3.25 30.11 21.04
C SER A 210 -2.89 29.81 19.58
C SER A 210 -2.86 29.82 19.59
N HIS A 211 -3.33 30.67 18.68
CA HIS A 211 -2.97 30.60 17.29
C HIS A 211 -1.52 31.01 17.11
N LEU A 212 -0.86 30.35 16.18
CA LEU A 212 0.46 30.70 15.74
C LEU A 212 0.55 32.13 15.20
N PRO A 213 1.73 32.73 15.29
CA PRO A 213 1.90 33.99 14.60
C PRO A 213 1.71 33.83 13.08
N LEU A 214 1.39 34.93 12.43
CA LEU A 214 1.34 34.93 10.99
C LEU A 214 2.69 34.56 10.44
N ILE A 215 2.71 33.78 9.35
CA ILE A 215 3.98 33.43 8.76
C ILE A 215 4.76 34.70 8.43
N PRO A 216 6.09 34.68 8.61
CA PRO A 216 6.91 35.81 8.24
C PRO A 216 7.05 35.86 6.72
N GLU A 217 7.06 37.07 6.14
CA GLU A 217 7.28 37.23 4.69
C GLU A 217 8.50 36.46 4.17
N LYS A 218 9.60 36.45 4.94
CA LYS A 218 10.83 35.74 4.50
C LYS A 218 10.71 34.22 4.25
N ILE A 219 9.73 33.55 4.87
CA ILE A 219 9.59 32.09 4.66
C ILE A 219 8.97 31.78 3.28
N LYS A 220 8.36 32.77 2.63
CA LYS A 220 7.87 32.57 1.26
C LYS A 220 8.99 32.26 0.22
N SER A 221 10.27 32.42 0.57
CA SER A 221 11.40 32.04 -0.28
CA SER A 221 11.32 32.01 -0.39
C SER A 221 11.64 30.54 -0.25
N LEU A 222 11.02 29.86 0.71
CA LEU A 222 11.21 28.44 0.83
C LEU A 222 10.57 27.79 -0.38
N LYS A 223 11.24 26.81 -0.96
CA LYS A 223 10.74 26.12 -2.15
C LYS A 223 10.15 24.78 -1.83
N PHE A 224 9.13 24.40 -2.61
CA PHE A 224 8.70 23.02 -2.69
C PHE A 224 9.62 22.26 -3.65
N GLU A 225 9.88 21.01 -3.34
CA GLU A 225 10.57 20.09 -4.22
C GLU A 225 9.50 19.18 -4.83
N GLY A 226 9.32 19.27 -6.14
CA GLY A 226 8.41 18.40 -6.86
C GLY A 226 7.32 19.19 -7.51
N ASP A 227 6.27 18.49 -7.96
CA ASP A 227 5.19 19.13 -8.70
C ASP A 227 4.08 19.57 -7.76
N VAL A 228 3.85 20.86 -7.62
CA VAL A 228 2.82 21.36 -6.75
C VAL A 228 1.52 21.43 -7.57
N PHE A 229 0.52 20.64 -7.18
CA PHE A 229 -0.75 20.63 -7.89
C PHE A 229 -1.47 21.95 -7.68
N ASN A 230 -1.60 22.72 -8.76
CA ASN A 230 -2.02 24.11 -8.59
C ASN A 230 -2.56 24.70 -9.88
N PRO A 231 -3.68 24.12 -10.42
CA PRO A 231 -4.23 24.66 -11.69
C PRO A 231 -4.83 26.04 -11.54
N GLU A 232 -5.23 26.42 -10.32
CA GLU A 232 -5.76 27.76 -10.13
C GLU A 232 -4.69 28.79 -9.81
N GLY A 233 -3.41 28.40 -9.83
CA GLY A 233 -2.31 29.34 -9.57
C GLY A 233 -2.33 30.04 -8.24
N ARG A 234 -2.74 29.33 -7.20
CA ARG A 234 -2.80 29.90 -5.85
C ARG A 234 -1.39 30.18 -5.33
N ASP A 235 -1.29 31.15 -4.41
CA ASP A 235 -0.03 31.46 -3.72
C ASP A 235 0.54 30.20 -3.03
N LEU A 236 1.84 29.97 -3.18
CA LEU A 236 2.43 28.70 -2.74
C LEU A 236 2.54 28.54 -1.19
N ILE A 237 3.03 29.59 -0.53
CA ILE A 237 3.25 29.56 0.91
C ILE A 237 2.49 30.73 1.55
N THR A 238 1.38 30.39 2.20
CA THR A 238 0.51 31.37 2.80
C THR A 238 0.19 31.10 4.28
N ASP A 239 0.58 29.94 4.80
CA ASP A 239 0.43 29.65 6.25
C ASP A 239 1.36 28.51 6.61
N TRP A 240 1.36 28.12 7.89
CA TRP A 240 2.32 27.18 8.39
C TRP A 240 2.19 25.80 7.83
N ASP A 241 0.99 25.45 7.36
CA ASP A 241 0.79 24.12 6.74
C ASP A 241 1.65 24.00 5.48
N ASP A 242 1.74 25.08 4.72
CA ASP A 242 2.52 25.15 3.51
C ASP A 242 4.00 25.09 3.83
N VAL A 243 4.41 25.72 4.94
CA VAL A 243 5.83 25.70 5.37
C VAL A 243 6.23 24.26 5.70
N ILE A 244 5.42 23.57 6.49
CA ILE A 244 5.70 22.16 6.86
C ILE A 244 5.72 21.24 5.64
N LEU A 245 4.72 21.41 4.76
CA LEU A 245 4.60 20.60 3.56
C LEU A 245 5.82 20.77 2.65
N ALA A 246 6.28 22.02 2.51
CA ALA A 246 7.42 22.29 1.67
C ALA A 246 8.71 21.66 2.24
N LEU A 247 8.92 21.82 3.53
CA LEU A 247 10.04 21.16 4.19
C LEU A 247 9.95 19.64 4.02
N GLY A 248 8.75 19.12 4.25
CA GLY A 248 8.48 17.72 4.00
C GLY A 248 8.83 17.29 2.58
N SER A 249 8.49 18.09 1.58
CA SER A 249 8.83 17.72 0.19
C SER A 249 10.36 17.65 -0.02
N GLN A 250 11.10 18.53 0.65
CA GLN A 250 12.57 18.50 0.60
C GLN A 250 13.11 17.22 1.21
N VAL A 251 12.61 16.85 2.37
CA VAL A 251 13.09 15.63 3.02
C VAL A 251 12.68 14.37 2.25
N CYS A 252 11.45 14.34 1.76
CA CYS A 252 10.96 13.21 1.01
C CYS A 252 11.80 12.91 -0.24
N LYS A 253 12.19 13.97 -0.93
CA LYS A 253 13.04 13.83 -2.10
C LYS A 253 14.33 13.15 -1.69
N GLY A 254 14.88 13.55 -0.55
CA GLY A 254 16.11 12.95 -0.02
C GLY A 254 15.94 11.47 0.22
N ILE A 255 14.81 11.08 0.78
CA ILE A 255 14.53 9.65 1.08
C ILE A 255 14.37 8.85 -0.22
N ARG A 256 13.62 9.40 -1.17
CA ARG A 256 13.43 8.77 -2.45
C ARG A 256 14.76 8.61 -3.23
N ASP A 257 15.66 9.59 -3.11
CA ASP A 257 16.96 9.50 -3.72
C ASP A 257 17.81 8.35 -3.09
N SER A 258 17.65 8.13 -1.79
CA SER A 258 18.36 7.03 -1.13
C SER A 258 17.87 5.69 -1.66
N ILE A 259 16.57 5.56 -1.86
CA ILE A 259 16.02 4.36 -2.51
C ILE A 259 16.59 4.17 -3.91
N LYS A 260 16.63 5.26 -4.68
CA LYS A 260 17.13 5.18 -6.05
C LYS A 260 18.64 4.88 -6.11
N ASP A 261 19.41 5.55 -5.28
CA ASP A 261 20.85 5.41 -5.26
C ASP A 261 21.28 4.05 -4.70
N ILE A 262 20.62 3.59 -3.62
CA ILE A 262 20.99 2.34 -2.99
C ILE A 262 20.44 1.14 -3.76
N LEU A 263 19.16 1.14 -4.12
CA LEU A 263 18.54 -0.04 -4.72
C LEU A 263 18.34 0.03 -6.21
N GLY A 264 18.35 1.24 -6.77
CA GLY A 264 18.12 1.47 -8.19
C GLY A 264 16.68 1.78 -8.57
N TYR A 265 15.77 1.87 -7.59
CA TYR A 265 14.32 1.98 -7.91
C TYR A 265 13.82 3.41 -7.92
N THR A 266 13.02 3.73 -8.94
CA THR A 266 12.33 4.98 -9.01
C THR A 266 10.97 4.85 -8.34
N THR A 267 10.49 5.96 -7.79
CA THR A 267 9.23 6.00 -7.07
C THR A 267 8.40 7.18 -7.53
N SER A 268 7.08 7.05 -7.37
CA SER A 268 6.20 8.20 -7.40
C SER A 268 5.71 8.40 -5.98
N CYS A 269 5.36 9.65 -5.64
CA CYS A 269 5.11 10.01 -4.25
C CYS A 269 4.04 11.06 -4.23
N GLY A 270 3.17 10.98 -3.21
CA GLY A 270 2.17 11.99 -2.96
C GLY A 270 2.42 12.56 -1.57
N LEU A 271 2.36 13.88 -1.46
CA LEU A 271 2.59 14.60 -0.21
C LEU A 271 1.39 15.46 0.07
N SER A 272 0.83 15.31 1.28
CA SER A 272 -0.34 16.07 1.71
C SER A 272 -0.50 15.89 3.21
N SER A 273 -1.55 16.47 3.79
CA SER A 273 -1.86 16.30 5.21
C SER A 273 -2.60 15.01 5.57
N THR A 274 -2.92 14.15 4.59
CA THR A 274 -3.64 12.92 4.90
C THR A 274 -3.21 11.73 4.01
N LYS A 275 -3.30 10.54 4.58
CA LYS A 275 -2.99 9.32 3.85
C LYS A 275 -3.85 9.18 2.59
N ASN A 276 -5.15 9.45 2.68
CA ASN A 276 -6.00 9.19 1.54
CA ASN A 276 -6.04 9.25 1.52
C ASN A 276 -5.59 10.11 0.37
N VAL A 277 -5.27 11.38 0.65
CA VAL A 277 -4.93 12.28 -0.43
C VAL A 277 -3.54 11.92 -0.99
N CYS A 278 -2.63 11.52 -0.11
CA CYS A 278 -1.30 11.10 -0.55
C CYS A 278 -1.36 9.96 -1.55
N LYS A 279 -2.21 8.97 -1.28
CA LYS A 279 -2.31 7.79 -2.15
C LYS A 279 -2.84 8.17 -3.55
N LEU A 280 -3.80 9.07 -3.60
CA LEU A 280 -4.25 9.62 -4.88
C LEU A 280 -3.12 10.40 -5.59
N ALA A 281 -2.41 11.22 -4.83
CA ALA A 281 -1.38 12.06 -5.38
C ALA A 281 -0.18 11.27 -5.92
N SER A 282 0.21 10.17 -5.26
CA SER A 282 1.33 9.34 -5.71
C SER A 282 1.06 8.71 -7.05
N ASN A 283 -0.22 8.52 -7.36
CA ASN A 283 -0.61 7.91 -8.64
C ASN A 283 -0.87 8.96 -9.73
N TYR A 284 -0.79 10.25 -9.39
CA TYR A 284 -1.13 11.31 -10.34
C TYR A 284 -0.12 11.44 -11.48
N LYS A 285 1.16 11.31 -11.15
CA LYS A 285 2.27 11.48 -12.07
C LYS A 285 3.30 10.39 -11.86
N LYS A 286 3.60 9.68 -12.95
CA LYS A 286 4.59 8.62 -12.93
C LYS A 286 5.33 8.60 -14.28
N PRO A 287 6.58 8.12 -14.30
CA PRO A 287 7.38 7.65 -13.15
C PRO A 287 8.20 8.77 -12.54
N ASP A 288 8.87 8.46 -11.44
CA ASP A 288 9.93 9.29 -10.89
C ASP A 288 9.44 10.72 -10.64
N ALA A 289 8.40 10.86 -9.80
CA ALA A 289 7.79 12.18 -9.58
C ALA A 289 7.18 12.26 -8.20
N GLN A 290 6.98 13.47 -7.74
CA GLN A 290 6.48 13.75 -6.43
C GLN A 290 5.37 14.79 -6.63
N THR A 291 4.13 14.45 -6.30
CA THR A 291 3.02 15.36 -6.41
C THR A 291 2.58 15.85 -5.02
N ILE A 292 2.52 17.17 -4.86
CA ILE A 292 2.25 17.83 -3.60
C ILE A 292 0.88 18.48 -3.65
N VAL A 293 0.03 18.15 -2.67
CA VAL A 293 -1.30 18.73 -2.59
C VAL A 293 -1.45 19.60 -1.33
N LYS A 294 -1.33 20.91 -1.52
CA LYS A 294 -1.56 21.88 -0.46
C LYS A 294 -2.98 21.78 0.09
N ASN A 295 -3.16 22.13 1.35
CA ASN A 295 -4.53 22.18 1.87
C ASN A 295 -5.47 23.05 1.07
N ASP A 296 -4.98 24.21 0.63
CA ASP A 296 -5.83 25.12 -0.14
C ASP A 296 -6.10 24.63 -1.57
N CYS A 297 -5.40 23.57 -2.00
CA CYS A 297 -5.63 22.96 -3.32
C CYS A 297 -6.35 21.60 -3.23
N LEU A 298 -6.85 21.23 -2.05
CA LEU A 298 -7.46 19.92 -1.86
C LEU A 298 -8.68 19.75 -2.75
N LEU A 299 -9.54 20.77 -2.77
CA LEU A 299 -10.76 20.68 -3.57
C LEU A 299 -10.46 20.73 -5.07
N ASP A 300 -9.50 21.57 -5.48
CA ASP A 300 -9.04 21.61 -6.86
C ASP A 300 -8.59 20.20 -7.31
N PHE A 301 -7.88 19.49 -6.43
CA PHE A 301 -7.34 18.15 -6.73
C PHE A 301 -8.43 17.09 -6.78
N LEU A 302 -9.19 17.00 -5.71
CA LEU A 302 -10.26 16.04 -5.63
C LEU A 302 -11.30 16.23 -6.72
N ASP A 303 -11.50 17.46 -7.18
CA ASP A 303 -12.52 17.74 -8.19
C ASP A 303 -11.95 17.87 -9.63
N CYS A 304 -10.69 17.42 -9.85
CA CYS A 304 -10.08 17.59 -11.17
C CYS A 304 -10.76 16.75 -12.27
N GLY A 305 -11.63 15.80 -11.88
CA GLY A 305 -12.28 14.94 -12.87
C GLY A 305 -11.75 13.51 -12.88
N LYS A 306 -10.64 13.26 -12.21
CA LYS A 306 -10.09 11.89 -12.15
C LYS A 306 -10.72 10.99 -11.09
N PHE A 307 -11.37 11.59 -10.08
CA PHE A 307 -11.71 10.89 -8.87
C PHE A 307 -13.21 10.91 -8.59
N GLU A 308 -13.65 9.86 -7.93
CA GLU A 308 -15.03 9.70 -7.48
C GLU A 308 -14.96 9.19 -6.05
N ILE A 309 -16.11 9.10 -5.39
CA ILE A 309 -16.11 8.66 -3.99
C ILE A 309 -15.51 7.24 -3.90
N THR A 310 -15.69 6.48 -4.95
CA THR A 310 -15.17 5.13 -5.06
C THR A 310 -13.64 5.06 -5.23
N SER A 311 -12.98 6.19 -5.45
CA SER A 311 -11.52 6.21 -5.53
C SER A 311 -10.90 6.09 -4.16
N PHE A 312 -11.68 6.36 -3.10
CA PHE A 312 -11.13 6.33 -1.76
C PHE A 312 -11.02 4.94 -1.19
N TRP A 313 -9.91 4.68 -0.50
CA TRP A 313 -9.62 3.41 0.14
C TRP A 313 -10.77 2.99 1.06
N THR A 314 -11.25 1.76 0.88
CA THR A 314 -12.41 1.16 1.55
C THR A 314 -13.70 1.34 0.79
N LEU A 315 -13.74 2.30 -0.14
CA LEU A 315 -14.97 2.61 -0.85
C LEU A 315 -14.96 2.11 -2.30
N GLY A 316 -13.95 1.34 -2.66
CA GLY A 316 -13.82 0.81 -4.00
C GLY A 316 -14.61 -0.43 -4.35
N GLY A 317 -15.40 -0.97 -3.41
CA GLY A 317 -16.18 -2.20 -3.65
C GLY A 317 -17.67 -2.03 -3.37
N VAL A 318 -18.26 -3.05 -2.76
CA VAL A 318 -19.71 -3.09 -2.59
C VAL A 318 -20.25 -1.99 -1.64
N LEU A 319 -19.52 -1.66 -0.58
CA LEU A 319 -19.92 -0.55 0.31
C LEU A 319 -20.03 0.75 -0.48
N GLY A 320 -19.02 1.01 -1.32
CA GLY A 320 -19.04 2.20 -2.14
C GLY A 320 -20.24 2.22 -3.06
N LYS A 321 -20.54 1.08 -3.69
CA LYS A 321 -21.73 1.00 -4.57
C LYS A 321 -23.02 1.18 -3.78
N GLU A 322 -23.12 0.57 -2.60
CA GLU A 322 -24.29 0.81 -1.76
C GLU A 322 -24.45 2.30 -1.41
N LEU A 323 -23.32 3.00 -1.13
CA LEU A 323 -23.36 4.40 -0.76
C LEU A 323 -23.83 5.24 -1.93
N ILE A 324 -23.39 4.88 -3.13
CA ILE A 324 -23.87 5.59 -4.33
C ILE A 324 -25.42 5.52 -4.41
N ASP A 325 -25.97 4.34 -4.11
CA ASP A 325 -27.41 4.13 -4.17
CA ASP A 325 -27.42 4.06 -4.12
C ASP A 325 -28.12 4.82 -2.99
N VAL A 326 -27.68 4.57 -1.76
CA VAL A 326 -28.32 5.18 -0.60
C VAL A 326 -28.22 6.74 -0.55
N LEU A 327 -27.08 7.30 -0.97
CA LEU A 327 -26.92 8.77 -0.98
C LEU A 327 -27.33 9.45 -2.29
N ASP A 328 -27.93 8.68 -3.20
CA ASP A 328 -28.33 9.11 -4.56
CA ASP A 328 -28.40 9.24 -4.46
C ASP A 328 -27.25 9.97 -5.19
N LEU A 329 -26.05 9.42 -5.18
CA LEU A 329 -24.88 10.11 -5.75
C LEU A 329 -24.90 10.03 -7.27
N PRO A 330 -24.46 11.09 -7.97
CA PRO A 330 -24.44 11.03 -9.42
C PRO A 330 -23.25 10.21 -9.90
N HIS A 331 -23.24 9.91 -11.18
CA HIS A 331 -22.26 8.98 -11.76
C HIS A 331 -20.90 9.68 -11.88
N GLU A 332 -20.90 11.01 -11.96
CA GLU A 332 -19.67 11.77 -11.99
C GLU A 332 -19.74 12.98 -11.03
N ASN A 333 -18.59 13.42 -10.57
CA ASN A 333 -18.48 14.52 -9.63
C ASN A 333 -19.19 14.21 -8.29
N SER A 334 -19.13 12.95 -7.91
CA SER A 334 -19.72 12.48 -6.66
C SER A 334 -19.08 13.09 -5.43
N ILE A 335 -17.78 13.37 -5.49
CA ILE A 335 -17.10 13.95 -4.34
C ILE A 335 -17.65 15.34 -4.03
N LYS A 336 -17.64 16.22 -5.03
CA LYS A 336 -18.25 17.54 -4.89
C LYS A 336 -19.71 17.46 -4.46
N HIS A 337 -20.42 16.48 -5.00
CA HIS A 337 -21.84 16.30 -4.64
C HIS A 337 -22.02 16.08 -3.15
N ILE A 338 -21.20 15.20 -2.60
CA ILE A 338 -21.25 14.91 -1.16
C ILE A 338 -20.98 16.18 -0.35
N ARG A 339 -19.96 16.91 -0.79
CA ARG A 339 -19.53 18.12 -0.14
C ARG A 339 -20.61 19.18 -0.13
N GLU A 340 -21.24 19.40 -1.28
CA GLU A 340 -22.22 20.49 -1.40
C GLU A 340 -23.63 20.15 -0.90
N THR A 341 -23.98 18.86 -0.92
CA THR A 341 -25.31 18.42 -0.48
C THR A 341 -25.42 18.44 1.06
N TRP A 342 -24.30 18.22 1.76
CA TRP A 342 -24.24 18.34 3.24
C TRP A 342 -23.10 19.26 3.56
N PRO A 343 -23.31 20.56 3.34
CA PRO A 343 -22.19 21.51 3.28
C PRO A 343 -21.63 22.01 4.60
N ASP A 344 -22.39 21.90 5.68
CA ASP A 344 -22.02 22.59 6.92
C ASP A 344 -21.34 21.67 7.91
N ASN A 345 -21.90 20.50 8.15
CA ASN A 345 -21.36 19.54 9.10
C ASN A 345 -21.77 18.10 8.82
N ALA A 346 -21.03 17.16 9.36
CA ALA A 346 -21.30 15.74 9.15
C ALA A 346 -22.68 15.28 9.70
N GLY A 347 -23.17 15.95 10.73
CA GLY A 347 -24.48 15.68 11.30
C GLY A 347 -25.62 15.77 10.29
N GLN A 348 -25.43 16.61 9.26
CA GLN A 348 -26.43 16.75 8.20
C GLN A 348 -26.51 15.45 7.43
N LEU A 349 -25.34 14.92 7.09
CA LEU A 349 -25.24 13.60 6.48
C LEU A 349 -25.67 12.42 7.40
N LYS A 350 -25.34 12.47 8.68
CA LYS A 350 -25.76 11.46 9.61
C LYS A 350 -27.31 11.34 9.66
N GLU A 351 -27.98 12.50 9.65
CA GLU A 351 -29.43 12.59 9.76
C GLU A 351 -30.01 11.91 8.54
N PHE A 352 -29.41 12.16 7.39
CA PHE A 352 -29.86 11.58 6.14
C PHE A 352 -29.68 10.03 6.16
N LEU A 353 -28.54 9.58 6.68
CA LEU A 353 -28.26 8.17 6.78
C LEU A 353 -29.16 7.48 7.79
N ASP A 354 -29.35 8.09 8.95
CA ASP A 354 -30.18 7.51 9.99
C ASP A 354 -31.63 7.26 9.52
N ALA A 355 -32.10 8.13 8.63
CA ALA A 355 -33.45 8.05 8.11
C ALA A 355 -33.53 6.84 7.17
N LYS A 356 -32.63 6.77 6.20
CA LYS A 356 -32.64 5.68 5.20
C LYS A 356 -32.53 4.29 5.84
N VAL A 357 -31.69 4.20 6.87
CA VAL A 357 -31.36 2.97 7.55
C VAL A 357 -32.39 2.54 8.59
N LYS A 358 -33.07 3.52 9.20
CA LYS A 358 -34.13 3.19 10.14
C LYS A 358 -35.38 2.60 9.45
N GLN A 359 -35.49 2.74 8.13
N GLN A 359 -35.44 2.69 8.12
CA GLN A 359 -36.67 2.28 7.40
CA GLN A 359 -36.55 2.15 7.35
C GLN A 359 -36.76 0.74 7.38
C GLN A 359 -36.70 0.66 7.51
N SER A 360 -37.92 0.21 7.76
CA SER A 360 -38.17 -1.24 7.90
C SER A 360 -37.83 -2.06 6.65
N ASP A 361 -37.92 -1.44 5.46
CA ASP A 361 -37.54 -2.09 4.20
C ASP A 361 -36.06 -1.94 3.81
N TYR A 362 -35.24 -1.47 4.76
CA TYR A 362 -33.78 -1.32 4.57
C TYR A 362 -33.10 -2.61 4.06
N ASP A 363 -33.01 -3.63 4.92
CA ASP A 363 -32.29 -4.91 4.62
C ASP A 363 -30.89 -4.89 5.27
N ARG A 364 -30.88 -5.00 6.59
CA ARG A 364 -29.67 -4.85 7.40
C ARG A 364 -28.74 -6.05 7.34
N SER A 365 -29.22 -7.18 6.83
CA SER A 365 -28.39 -8.40 6.67
C SER A 365 -27.62 -8.45 5.34
N THR A 366 -28.07 -7.68 4.33
CA THR A 366 -27.35 -7.57 3.05
C THR A 366 -26.70 -6.19 2.81
N SER A 367 -26.66 -5.35 3.85
CA SER A 367 -26.07 -4.01 3.75
C SER A 367 -24.72 -3.98 4.45
N ASN A 368 -23.80 -3.17 3.96
CA ASN A 368 -22.50 -3.04 4.60
C ASN A 368 -22.37 -1.82 5.49
N ILE A 369 -23.49 -1.13 5.69
CA ILE A 369 -23.55 0.01 6.58
C ILE A 369 -23.99 -0.48 7.95
N ASP A 370 -23.21 -0.12 8.97
CA ASP A 370 -23.55 -0.39 10.36
C ASP A 370 -24.47 0.73 10.89
N PRO A 371 -25.73 0.38 11.18
CA PRO A 371 -26.69 1.40 11.63
C PRO A 371 -26.35 2.03 12.97
N LEU A 372 -25.51 1.37 13.73
CA LEU A 372 -25.09 1.87 15.03
C LEU A 372 -23.89 2.78 14.90
N LYS A 373 -23.29 2.83 13.72
CA LYS A 373 -22.07 3.60 13.53
C LYS A 373 -22.20 4.64 12.41
N THR A 374 -23.39 5.23 12.28
CA THR A 374 -23.63 6.20 11.21
C THR A 374 -22.93 7.55 11.48
N ALA A 375 -22.66 7.88 12.74
CA ALA A 375 -21.89 9.09 13.07
C ALA A 375 -20.49 8.98 12.46
N ASP A 376 -19.83 7.81 12.61
CA ASP A 376 -18.49 7.60 12.05
C ASP A 376 -18.52 7.64 10.53
N LEU A 377 -19.55 7.04 9.91
CA LEU A 377 -19.59 6.98 8.46
C LEU A 377 -19.80 8.38 7.88
N ALA A 378 -20.68 9.16 8.52
CA ALA A 378 -20.98 10.50 8.07
C ALA A 378 -19.73 11.38 8.17
N GLU A 379 -19.01 11.28 9.28
CA GLU A 379 -17.82 12.05 9.50
C GLU A 379 -16.76 11.65 8.48
N LYS A 380 -16.64 10.35 8.21
CA LYS A 380 -15.67 9.85 7.24
C LYS A 380 -15.97 10.42 5.85
N LEU A 381 -17.22 10.40 5.41
CA LEU A 381 -17.55 10.87 4.06
C LEU A 381 -17.47 12.39 3.99
N PHE A 382 -17.91 13.06 5.04
CA PHE A 382 -17.84 14.50 5.11
C PHE A 382 -16.37 14.97 4.95
N LYS A 383 -15.47 14.33 5.70
CA LYS A 383 -14.07 14.69 5.65
C LYS A 383 -13.30 14.19 4.41
N LEU A 384 -13.59 12.99 3.94
CA LEU A 384 -12.95 12.49 2.73
C LEU A 384 -13.25 13.44 1.58
N SER A 385 -14.48 13.92 1.48
CA SER A 385 -14.91 14.77 0.40
C SER A 385 -14.25 16.13 0.41
N ARG A 386 -13.60 16.47 1.53
CA ARG A 386 -12.86 17.71 1.67
C ARG A 386 -11.35 17.49 1.77
N GLY A 387 -10.91 16.23 1.72
CA GLY A 387 -9.50 15.92 1.79
C GLY A 387 -8.88 16.06 3.17
N ARG A 388 -9.71 15.95 4.20
CA ARG A 388 -9.29 16.19 5.58
C ARG A 388 -9.57 14.99 6.49
N TYR A 389 -9.67 13.81 5.90
CA TYR A 389 -9.87 12.58 6.70
C TYR A 389 -8.49 11.96 7.02
N GLY A 390 -8.08 12.14 8.27
CA GLY A 390 -6.77 11.71 8.75
C GLY A 390 -6.82 10.36 9.45
N LEU A 391 -6.21 9.36 8.86
CA LEU A 391 -6.09 8.05 9.42
C LEU A 391 -4.66 7.90 9.97
N PRO A 392 -4.52 7.17 11.08
CA PRO A 392 -3.17 6.93 11.57
C PRO A 392 -2.41 5.93 10.71
N LEU A 393 -1.11 6.02 10.76
CA LEU A 393 -0.22 5.01 10.22
C LEU A 393 -0.11 3.86 11.25
N SER A 394 -0.10 2.61 10.82
CA SER A 394 0.29 1.51 11.75
C SER A 394 1.64 0.96 11.32
N SER A 395 2.58 0.83 12.24
CA SER A 395 3.83 0.10 11.97
C SER A 395 3.45 -1.36 12.11
N ARG A 396 3.72 -2.15 11.08
CA ARG A 396 3.26 -3.52 11.04
C ARG A 396 4.32 -4.45 11.64
N PRO A 397 3.90 -5.63 12.10
CA PRO A 397 4.89 -6.61 12.55
C PRO A 397 5.74 -7.13 11.41
N VAL A 398 6.76 -7.90 11.74
CA VAL A 398 7.65 -8.50 10.73
C VAL A 398 6.84 -9.28 9.70
N VAL A 399 5.82 -10.00 10.15
CA VAL A 399 4.89 -10.72 9.31
C VAL A 399 3.59 -10.95 10.08
N LYS A 400 2.49 -11.01 9.33
CA LYS A 400 1.18 -11.25 9.89
C LYS A 400 0.58 -12.57 9.34
N SER A 401 0.70 -12.77 8.03
CA SER A 401 0.30 -14.02 7.38
C SER A 401 1.21 -14.30 6.19
N MET A 402 1.32 -15.56 5.81
CA MET A 402 2.02 -16.02 4.61
C MET A 402 1.15 -17.03 3.88
N MET A 403 1.02 -16.83 2.57
CA MET A 403 0.20 -17.67 1.71
C MET A 403 1.08 -18.29 0.60
N SER A 404 0.78 -19.56 0.30
CA SER A 404 1.34 -20.24 -0.85
C SER A 404 0.17 -20.77 -1.65
N ASN A 405 0.01 -20.31 -2.89
CA ASN A 405 -1.21 -20.52 -3.66
C ASN A 405 -0.91 -21.10 -5.06
N LYS A 406 -1.66 -22.14 -5.46
CA LYS A 406 -1.62 -22.62 -6.82
C LYS A 406 -3.03 -22.79 -7.41
N ASN A 407 -3.39 -21.93 -8.36
CA ASN A 407 -4.52 -22.17 -9.24
C ASN A 407 -4.11 -23.26 -10.25
N LEU A 408 -4.97 -24.26 -10.38
CA LEU A 408 -4.61 -25.52 -11.05
C LEU A 408 -5.32 -25.66 -12.39
N ARG A 409 -4.57 -26.05 -13.42
CA ARG A 409 -5.16 -26.26 -14.75
C ARG A 409 -5.22 -27.75 -15.10
N GLY A 410 -6.25 -28.11 -15.87
CA GLY A 410 -6.40 -29.47 -16.39
C GLY A 410 -6.61 -30.47 -15.28
N LYS A 411 -5.75 -31.49 -15.23
CA LYS A 411 -5.82 -32.55 -14.22
C LYS A 411 -4.57 -32.60 -13.33
N SER A 412 -3.84 -31.48 -13.21
CA SER A 412 -2.62 -31.45 -12.38
C SER A 412 -2.88 -31.63 -10.87
N CYS A 413 -4.16 -31.63 -10.46
CA CYS A 413 -4.55 -32.02 -9.10
C CYS A 413 -5.82 -32.85 -9.12
N ASN A 414 -5.65 -34.13 -9.46
CA ASN A 414 -6.75 -35.04 -9.75
C ASN A 414 -7.01 -36.11 -8.68
N SER A 415 -6.34 -36.00 -7.53
CA SER A 415 -6.52 -36.95 -6.44
C SER A 415 -5.85 -36.41 -5.20
N ILE A 416 -6.02 -37.11 -4.09
CA ILE A 416 -5.40 -36.71 -2.84
C ILE A 416 -3.87 -36.74 -2.95
N VAL A 417 -3.37 -37.68 -3.76
CA VAL A 417 -1.94 -37.78 -4.01
C VAL A 417 -1.38 -36.49 -4.64
N ASP A 418 -2.07 -35.94 -5.62
CA ASP A 418 -1.65 -34.67 -6.22
C ASP A 418 -1.76 -33.51 -5.21
N CYS A 419 -2.81 -33.50 -4.40
CA CYS A 419 -2.96 -32.46 -3.38
C CYS A 419 -1.71 -32.38 -2.51
N ILE A 420 -1.28 -33.54 -2.03
CA ILE A 420 -0.21 -33.63 -1.06
C ILE A 420 1.09 -33.22 -1.71
N SER A 421 1.22 -33.56 -2.98
CA SER A 421 2.37 -33.20 -3.77
C SER A 421 2.53 -31.68 -3.82
N TRP A 422 1.42 -30.95 -4.01
CA TRP A 422 1.46 -29.49 -4.02
C TRP A 422 1.67 -28.95 -2.62
N LEU A 423 1.05 -29.57 -1.59
CA LEU A 423 1.30 -29.18 -0.21
C LEU A 423 2.78 -29.24 0.15
N GLU A 424 3.52 -30.23 -0.37
CA GLU A 424 4.95 -30.31 -0.12
C GLU A 424 5.71 -29.13 -0.70
N VAL A 425 5.26 -28.62 -1.83
CA VAL A 425 5.88 -27.41 -2.38
C VAL A 425 5.56 -26.24 -1.45
N PHE A 426 4.29 -26.08 -1.08
CA PHE A 426 3.86 -25.00 -0.21
C PHE A 426 4.64 -25.02 1.10
N CYS A 427 4.81 -26.21 1.66
CA CYS A 427 5.45 -26.33 2.95
C CYS A 427 6.91 -25.96 2.90
N ALA A 428 7.59 -26.37 1.83
CA ALA A 428 8.96 -26.01 1.61
C ALA A 428 9.08 -24.47 1.46
N GLU A 429 8.21 -23.89 0.67
CA GLU A 429 8.23 -22.43 0.42
C GLU A 429 8.04 -21.64 1.69
N LEU A 430 6.98 -21.96 2.42
CA LEU A 430 6.67 -21.23 3.65
C LEU A 430 7.83 -21.35 4.63
N THR A 431 8.42 -22.55 4.76
CA THR A 431 9.50 -22.76 5.72
C THR A 431 10.75 -21.95 5.37
N SER A 432 11.07 -21.91 4.09
CA SER A 432 12.19 -21.11 3.63
CA SER A 432 12.17 -21.10 3.60
C SER A 432 11.90 -19.62 3.85
N ARG A 433 10.64 -19.21 3.65
CA ARG A 433 10.30 -17.80 3.91
C ARG A 433 10.47 -17.47 5.41
N ILE A 434 10.04 -18.39 6.25
CA ILE A 434 10.14 -18.18 7.68
C ILE A 434 11.60 -18.10 8.13
N GLN A 435 12.44 -18.99 7.63
CA GLN A 435 13.88 -18.94 7.98
C GLN A 435 14.53 -17.60 7.59
N ASP A 436 14.20 -17.12 6.39
CA ASP A 436 14.75 -15.88 5.86
C ASP A 436 14.39 -14.70 6.78
N LEU A 437 13.13 -14.62 7.22
CA LEU A 437 12.68 -13.61 8.18
C LEU A 437 13.38 -13.70 9.53
N GLU A 438 13.56 -14.91 10.04
CA GLU A 438 14.28 -15.13 11.32
C GLU A 438 15.71 -14.58 11.29
N GLN A 439 16.43 -14.89 10.20
N GLN A 439 16.44 -14.88 10.21
CA GLN A 439 17.80 -14.42 10.00
CA GLN A 439 17.82 -14.39 10.04
C GLN A 439 17.87 -12.91 9.78
C GLN A 439 17.86 -12.88 9.81
N GLU A 440 16.95 -12.38 8.97
CA GLU A 440 16.97 -10.97 8.61
C GLU A 440 16.64 -10.04 9.79
N TYR A 441 15.67 -10.46 10.62
CA TYR A 441 15.17 -9.61 11.68
C TYR A 441 15.52 -10.08 13.09
N ASN A 442 16.31 -11.15 13.20
CA ASN A 442 16.77 -11.69 14.48
C ASN A 442 15.61 -12.05 15.43
N LYS A 443 14.72 -12.90 14.93
CA LYS A 443 13.50 -13.28 15.65
C LYS A 443 13.32 -14.79 15.62
N ILE A 444 12.46 -15.30 16.49
CA ILE A 444 11.86 -16.61 16.32
C ILE A 444 10.46 -16.35 15.79
N VAL A 445 10.13 -16.99 14.68
CA VAL A 445 8.85 -16.81 14.02
C VAL A 445 8.14 -18.15 13.97
N ILE A 446 6.98 -18.20 14.61
CA ILE A 446 6.30 -19.43 14.94
C ILE A 446 4.88 -19.46 14.37
N PRO A 447 4.66 -20.28 13.35
CA PRO A 447 3.29 -20.46 12.85
C PRO A 447 2.43 -21.08 13.95
N ARG A 448 1.23 -20.53 14.13
CA ARG A 448 0.32 -20.99 15.16
C ARG A 448 -0.96 -21.58 14.58
N THR A 449 -1.41 -20.99 13.47
CA THR A 449 -2.65 -21.38 12.82
C THR A 449 -2.40 -21.47 11.30
N VAL A 450 -2.99 -22.48 10.70
CA VAL A 450 -2.89 -22.75 9.27
C VAL A 450 -4.29 -22.88 8.69
N SER A 451 -4.49 -22.37 7.48
CA SER A 451 -5.75 -22.54 6.75
C SER A 451 -5.44 -23.15 5.36
N ILE A 452 -6.17 -24.21 5.03
CA ILE A 452 -6.16 -24.76 3.70
C ILE A 452 -7.45 -24.31 3.05
N SER A 453 -7.32 -23.81 1.83
CA SER A 453 -8.47 -23.38 1.04
C SER A 453 -8.32 -23.99 -0.36
N LEU A 454 -9.40 -24.50 -0.91
CA LEU A 454 -9.34 -25.12 -2.23
C LEU A 454 -10.63 -24.87 -3.01
N LYS A 455 -10.56 -25.00 -4.33
CA LYS A 455 -11.75 -24.95 -5.17
C LYS A 455 -11.85 -26.19 -6.04
N THR A 456 -13.06 -26.72 -6.16
CA THR A 456 -13.33 -27.93 -6.93
C THR A 456 -13.38 -27.65 -8.42
N LYS A 457 -13.61 -28.70 -9.20
CA LYS A 457 -13.81 -28.58 -10.65
C LYS A 457 -15.02 -27.70 -11.00
N SER A 458 -15.99 -27.63 -10.08
CA SER A 458 -17.18 -26.80 -10.24
C SER A 458 -17.01 -25.47 -9.51
N TYR A 459 -15.78 -25.17 -9.11
CA TYR A 459 -15.45 -23.91 -8.48
C TYR A 459 -16.02 -23.70 -7.08
N GLU A 460 -16.52 -24.76 -6.45
CA GLU A 460 -17.00 -24.69 -5.06
C GLU A 460 -15.81 -24.62 -4.07
N VAL A 461 -15.88 -23.70 -3.12
CA VAL A 461 -14.81 -23.47 -2.13
C VAL A 461 -14.97 -24.38 -0.89
N TYR A 462 -13.86 -24.99 -0.48
CA TYR A 462 -13.78 -25.77 0.77
C TYR A 462 -12.61 -25.24 1.58
N ARG A 463 -12.83 -24.96 2.86
CA ARG A 463 -11.81 -24.41 3.75
C ARG A 463 -11.75 -25.20 5.03
N LYS A 464 -10.56 -25.22 5.64
CA LYS A 464 -10.36 -25.73 6.97
C LYS A 464 -9.16 -24.99 7.57
N SER A 465 -9.32 -24.50 8.79
CA SER A 465 -8.21 -23.92 9.55
C SER A 465 -8.15 -24.52 10.95
N GLY A 466 -6.96 -24.46 11.54
CA GLY A 466 -6.75 -24.90 12.90
C GLY A 466 -5.30 -24.77 13.33
N PRO A 467 -5.01 -25.18 14.57
CA PRO A 467 -3.68 -24.97 15.06
C PRO A 467 -2.63 -25.84 14.36
N VAL A 468 -1.40 -25.33 14.31
CA VAL A 468 -0.23 -26.09 13.90
C VAL A 468 0.68 -26.13 15.13
N ALA A 469 1.31 -27.27 15.37
CA ALA A 469 2.25 -27.45 16.49
C ALA A 469 3.60 -26.88 16.12
N TYR A 470 4.41 -26.57 17.14
CA TYR A 470 5.73 -26.00 16.91
C TYR A 470 6.78 -26.89 17.55
N LYS A 471 7.81 -27.22 16.77
CA LYS A 471 8.93 -28.05 17.27
C LYS A 471 10.28 -27.51 16.73
N GLY A 472 10.35 -26.20 16.46
CA GLY A 472 11.55 -25.59 15.91
C GLY A 472 11.60 -25.57 14.38
N ILE A 473 12.51 -24.76 13.85
CA ILE A 473 12.63 -24.50 12.42
C ILE A 473 13.02 -25.75 11.60
N ASN A 474 13.84 -26.62 12.19
CA ASN A 474 14.27 -27.87 11.54
C ASN A 474 13.14 -28.89 11.35
N PHE A 475 12.03 -28.72 12.07
CA PHE A 475 10.86 -29.57 11.96
C PHE A 475 9.63 -28.81 11.42
N GLN A 476 9.84 -27.56 10.99
CA GLN A 476 8.74 -26.69 10.68
C GLN A 476 7.95 -27.16 9.46
N SER A 477 8.67 -27.56 8.42
CA SER A 477 8.03 -27.99 7.18
C SER A 477 7.16 -29.22 7.45
N HIS A 478 7.70 -30.14 8.25
CA HIS A 478 7.01 -31.35 8.68
C HIS A 478 5.69 -31.04 9.42
N GLU A 479 5.77 -30.11 10.38
CA GLU A 479 4.63 -29.74 11.21
C GLU A 479 3.53 -29.11 10.38
N LEU A 480 3.90 -28.32 9.38
CA LEU A 480 2.94 -27.72 8.45
C LEU A 480 2.27 -28.78 7.57
N LEU A 481 3.07 -29.71 7.05
CA LEU A 481 2.57 -30.75 6.15
C LEU A 481 1.60 -31.66 6.85
N LYS A 482 1.90 -32.00 8.09
CA LYS A 482 1.03 -32.83 8.91
C LYS A 482 -0.36 -32.29 8.95
N VAL A 483 -0.49 -30.98 9.20
CA VAL A 483 -1.81 -30.36 9.30
C VAL A 483 -2.44 -30.25 7.93
N GLY A 484 -1.66 -29.89 6.94
CA GLY A 484 -2.18 -29.78 5.59
C GLY A 484 -2.79 -31.10 5.10
N ILE A 485 -2.07 -32.20 5.34
CA ILE A 485 -2.52 -33.52 4.87
C ILE A 485 -3.82 -33.83 5.60
N LYS A 486 -3.83 -33.59 6.91
CA LYS A 486 -5.03 -33.79 7.71
C LYS A 486 -6.22 -33.03 7.10
N PHE A 487 -6.02 -31.74 6.81
CA PHE A 487 -7.08 -30.91 6.28
C PHE A 487 -7.50 -31.31 4.88
N VAL A 488 -6.57 -31.67 3.98
CA VAL A 488 -6.98 -32.05 2.63
C VAL A 488 -7.74 -33.39 2.64
N THR A 489 -7.37 -34.30 3.54
CA THR A 489 -8.08 -35.58 3.60
C THR A 489 -9.46 -35.38 4.22
N ASP A 490 -9.56 -34.51 5.22
CA ASP A 490 -10.86 -34.11 5.82
CA ASP A 490 -10.87 -34.16 5.80
C ASP A 490 -11.80 -33.53 4.76
N LEU A 491 -11.26 -32.62 3.95
CA LEU A 491 -12.08 -31.95 2.93
C LEU A 491 -12.46 -32.93 1.80
N ASP A 492 -11.57 -33.87 1.48
CA ASP A 492 -11.88 -34.93 0.50
C ASP A 492 -13.13 -35.69 0.93
N ILE A 493 -13.22 -36.00 2.22
CA ILE A 493 -14.38 -36.70 2.75
C ILE A 493 -15.62 -35.79 2.61
N LYS A 494 -15.49 -34.53 3.03
CA LYS A 494 -16.60 -33.59 2.95
C LYS A 494 -17.11 -33.43 1.49
N GLY A 495 -16.25 -33.66 0.50
CA GLY A 495 -16.65 -33.59 -0.91
C GLY A 495 -17.11 -34.89 -1.55
N LYS A 496 -17.27 -35.96 -0.78
CA LYS A 496 -17.67 -37.26 -1.33
C LYS A 496 -19.06 -37.20 -1.97
N ASN A 497 -19.20 -37.82 -3.13
CA ASN A 497 -20.45 -37.84 -3.92
C ASN A 497 -20.85 -36.49 -4.50
N LYS A 498 -19.91 -35.56 -4.51
CA LYS A 498 -20.13 -34.24 -5.08
C LYS A 498 -19.01 -33.96 -6.07
N SER A 499 -19.21 -32.94 -6.89
CA SER A 499 -18.21 -32.48 -7.83
C SER A 499 -16.96 -31.99 -7.06
N TYR A 500 -15.84 -32.66 -7.26
CA TYR A 500 -14.62 -32.38 -6.49
C TYR A 500 -13.38 -32.39 -7.40
N TYR A 501 -12.76 -33.56 -7.64
CA TYR A 501 -11.60 -33.61 -8.54
C TYR A 501 -12.01 -33.47 -10.02
N PRO A 502 -11.15 -32.86 -10.85
CA PRO A 502 -9.85 -32.28 -10.47
C PRO A 502 -10.00 -30.89 -9.86
N LEU A 503 -9.16 -30.53 -8.90
CA LEU A 503 -9.25 -29.18 -8.28
C LEU A 503 -8.88 -28.06 -9.26
N THR A 504 -9.42 -26.87 -9.00
CA THR A 504 -9.05 -25.68 -9.75
C THR A 504 -8.19 -24.70 -8.94
N LYS A 505 -8.01 -24.98 -7.64
CA LYS A 505 -7.18 -24.13 -6.77
C LYS A 505 -6.86 -24.83 -5.46
N LEU A 506 -5.64 -24.64 -4.99
CA LEU A 506 -5.22 -25.15 -3.68
C LEU A 506 -4.26 -24.11 -3.08
N SER A 507 -4.48 -23.74 -1.83
CA SER A 507 -3.55 -22.86 -1.12
C SER A 507 -3.47 -23.21 0.35
N MET A 508 -2.32 -22.88 0.94
CA MET A 508 -2.05 -22.97 2.37
C MET A 508 -1.59 -21.60 2.84
N THR A 509 -2.19 -21.13 3.92
CA THR A 509 -1.86 -19.83 4.50
C THR A 509 -1.61 -20.04 5.99
N ILE A 510 -0.47 -19.54 6.48
CA ILE A 510 -0.25 -19.40 7.91
C ILE A 510 -0.89 -18.05 8.27
N THR A 511 -2.01 -18.13 8.99
CA THR A 511 -2.83 -16.95 9.25
C THR A 511 -2.52 -16.30 10.58
N ASN A 512 -1.73 -16.96 11.43
N ASN A 512 -1.77 -16.99 11.45
CA ASN A 512 -1.36 -16.37 12.74
CA ASN A 512 -1.37 -16.40 12.75
C ASN A 512 0.00 -16.87 13.21
C ASN A 512 0.05 -16.85 13.04
N PHE A 513 0.87 -15.93 13.57
CA PHE A 513 2.25 -16.21 13.97
C PHE A 513 2.51 -15.65 15.37
N ASP A 514 3.36 -16.32 16.13
CA ASP A 514 4.01 -15.72 17.29
C ASP A 514 5.40 -15.23 16.86
N ILE A 515 5.79 -14.05 17.32
CA ILE A 515 7.09 -13.46 16.99
C ILE A 515 7.85 -13.15 18.28
N ILE A 516 8.99 -13.81 18.47
CA ILE A 516 9.83 -13.65 19.67
C ILE A 516 11.06 -12.79 19.35
N ASP A 517 11.31 -11.76 20.15
CA ASP A 517 12.48 -10.93 19.94
C ASP A 517 13.70 -11.61 20.57
N LEU A 518 14.86 -11.42 19.96
CA LEU A 518 16.09 -12.04 20.45
C LEU A 518 17.13 -10.97 20.74
N GLN A 519 18.26 -11.40 21.29
CA GLN A 519 19.38 -10.54 21.68
C GLN A 519 19.02 -9.84 22.99
N1 DOC B 11 -3.62 -5.52 -5.84
C2 DOC B 11 -3.26 -6.87 -5.79
N3 DOC B 11 -4.20 -7.82 -5.87
C4 DOC B 11 -5.50 -7.47 -5.98
C5 DOC B 11 -5.88 -6.13 -6.03
C6 DOC B 11 -4.90 -5.16 -5.94
O2 DOC B 11 -2.04 -7.18 -5.67
N4 DOC B 11 -6.46 -8.41 -6.07
C1' DOC B 11 -2.54 -4.54 -5.73
C2' DOC B 11 -2.63 -3.49 -6.85
C3' DOC B 11 -2.01 -2.30 -6.18
C4' DOC B 11 -2.23 -2.51 -4.69
O4' DOC B 11 -2.61 -3.87 -4.47
C5' DOC B 11 -3.30 -1.55 -4.18
O5' DOC B 11 -4.44 -1.49 -5.06
P DOC B 11 -5.59 -0.42 -4.70
OP1 DOC B 11 -4.94 0.92 -4.58
OP2 DOC B 11 -6.70 -0.59 -5.69
PG DTP D . 3.19 1.75 -11.11
O1G DTP D . 3.08 1.81 -9.62
O2G DTP D . 2.00 2.19 -11.94
O3G DTP D . 4.46 2.37 -11.63
PB DTP D . 3.45 -1.08 -10.58
O1B DTP D . 4.38 -0.76 -9.44
O2B DTP D . 3.87 -2.21 -11.54
O3B DTP D . 3.24 0.19 -11.52
PA DTP D . 1.33 -1.39 -8.62
O1A DTP D . 2.00 -0.30 -7.83
O2A DTP D . -0.15 -1.38 -8.77
O3A DTP D . 1.94 -1.43 -10.13
O5' DTP D . 1.71 -2.82 -7.98
C5' DTP D . 3.02 -3.15 -7.53
C4' DTP D . 3.43 -4.53 -8.03
O4' DTP D . 2.49 -5.50 -7.53
C3' DTP D . 3.44 -4.69 -9.55
O3' DTP D . 4.71 -4.34 -10.12
C2' DTP D . 3.07 -6.15 -9.78
C1' DTP D . 2.22 -6.45 -8.56
N9 DTP D . 0.77 -6.44 -8.84
C8 DTP D . -0.05 -5.37 -9.02
N7 DTP D . -1.33 -5.75 -9.25
C5 DTP D . -1.36 -7.07 -9.24
C6 DTP D . -2.39 -8.11 -9.41
N6 DTP D . -3.68 -7.76 -9.66
N1 DTP D . -1.98 -9.40 -9.33
C2 DTP D . -0.70 -9.73 -9.09
N3 DTP D . 0.28 -8.84 -8.93
C4 DTP D . 0.02 -7.53 -8.99
S SO4 E . -10.34 -17.60 2.20
O1 SO4 E . -9.17 -17.15 1.48
O2 SO4 E . -10.80 -18.83 1.55
O3 SO4 E . -10.03 -17.89 3.59
O4 SO4 E . -11.38 -16.54 2.18
S SO4 F . 9.30 39.34 7.77
O1 SO4 F . 9.92 40.45 7.08
O2 SO4 F . 7.83 39.37 7.54
O3 SO4 F . 9.88 38.09 7.23
O4 SO4 F . 9.54 39.45 9.18
MG MG G . 3.88 0.66 -8.03
MG MG H . 0.23 -0.32 -5.39
#